data_6GST
#
_entry.id   6GST
#
_cell.length_a   88.240
_cell.length_b   69.440
_cell.length_c   81.280
_cell.angle_alpha   90.00
_cell.angle_beta   106.01
_cell.angle_gamma   90.00
#
_symmetry.space_group_name_H-M   'C 1 2 1'
#
loop_
_entity.id
_entity.type
_entity.pdbx_description
1 polymer 'MU CLASS GLUTATHIONE S-TRANSFERASE OF ISOENZYME 3-3'
2 non-polymer GLUTATHIONE
3 water water
#
_entity_poly.entity_id   1
_entity_poly.type   'polypeptide(L)'
_entity_poly.pdbx_seq_one_letter_code
;PMILGYWNVRGLTHPIRLLLEYTDSSYEEKRYAMGDAPDYDRSQWLNEKFKLGLDFPNLPYLIDGSRKITQSNAIMRYLA
RKHHLCGETEEERIRADIVENQVMDNRMQLIMLCYNPDFEKQKPEFLKTIPEKMKLYSEFLGKRPWFAGDKVTYVDFLAY
DILDQYHIFEPKCLDAFPNLKDFLARFEGLKKISAYMKSSRYLSTPIFSKLAQWSNK
;
_entity_poly.pdbx_strand_id   A,B
#
loop_
_chem_comp.id
_chem_comp.type
_chem_comp.name
_chem_comp.formula
GSH non-polymer GLUTATHIONE 'C10 H17 N3 O6 S'
#
# COMPACT_ATOMS: atom_id res chain seq x y z
N PRO A 1 -12.45 4.82 -25.79
CA PRO A 1 -12.32 4.00 -24.57
C PRO A 1 -11.31 4.44 -23.53
N MET A 2 -11.19 3.62 -22.49
CA MET A 2 -10.31 3.76 -21.33
C MET A 2 -8.89 3.51 -21.84
N ILE A 3 -7.97 4.21 -21.21
CA ILE A 3 -6.58 4.08 -21.58
C ILE A 3 -5.86 3.62 -20.31
N LEU A 4 -5.21 2.48 -20.38
CA LEU A 4 -4.29 2.01 -19.35
C LEU A 4 -2.86 2.20 -19.81
N GLY A 5 -1.96 2.79 -19.00
CA GLY A 5 -0.56 2.89 -19.42
C GLY A 5 0.33 2.28 -18.37
N TYR A 6 1.39 1.63 -18.75
CA TYR A 6 2.31 0.93 -17.86
C TYR A 6 3.46 0.46 -18.72
N TRP A 7 4.52 -0.06 -18.20
CA TRP A 7 5.63 -0.70 -18.92
C TRP A 7 5.16 -1.95 -19.65
N ASN A 8 6.02 -2.38 -20.56
CA ASN A 8 5.72 -3.59 -21.35
C ASN A 8 6.21 -4.80 -20.55
N VAL A 9 5.76 -4.90 -19.31
CA VAL A 9 6.01 -5.98 -18.38
C VAL A 9 4.75 -6.22 -17.57
N ARG A 10 4.80 -7.37 -16.86
CA ARG A 10 3.71 -7.79 -15.97
C ARG A 10 3.80 -6.90 -14.73
N GLY A 11 4.90 -6.76 -14.09
CA GLY A 11 5.12 -5.84 -12.95
C GLY A 11 3.95 -5.90 -12.02
N LEU A 12 3.37 -4.77 -11.64
CA LEU A 12 2.24 -4.74 -10.72
C LEU A 12 0.91 -4.46 -11.31
N THR A 13 0.84 -4.58 -12.64
CA THR A 13 -0.41 -4.33 -13.37
C THR A 13 -1.09 -5.59 -13.79
N HIS A 14 -0.59 -6.78 -13.59
CA HIS A 14 -1.42 -7.94 -14.03
C HIS A 14 -2.84 -7.84 -13.55
N PRO A 15 -3.14 -7.59 -12.29
CA PRO A 15 -4.53 -7.52 -11.83
C PRO A 15 -5.37 -6.49 -12.53
N ILE A 16 -4.79 -5.43 -13.06
CA ILE A 16 -5.72 -4.45 -13.71
C ILE A 16 -6.13 -4.98 -15.07
N ARG A 17 -5.17 -5.49 -15.80
CA ARG A 17 -5.37 -6.08 -17.14
C ARG A 17 -6.41 -7.16 -17.05
N LEU A 18 -6.28 -8.04 -16.05
CA LEU A 18 -7.32 -9.05 -15.82
C LEU A 18 -8.67 -8.44 -15.54
N LEU A 19 -8.70 -7.44 -14.62
CA LEU A 19 -10.01 -6.86 -14.26
C LEU A 19 -10.68 -6.19 -15.47
N LEU A 20 -9.95 -5.50 -16.32
CA LEU A 20 -10.50 -4.92 -17.54
C LEU A 20 -11.06 -5.98 -18.48
N GLU A 21 -10.47 -7.12 -18.54
CA GLU A 21 -10.94 -8.23 -19.37
C GLU A 21 -12.10 -8.96 -18.77
N TYR A 22 -12.02 -9.27 -17.49
CA TYR A 22 -13.16 -9.89 -16.78
C TYR A 22 -14.42 -9.07 -16.86
N THR A 23 -14.31 -7.77 -16.90
CA THR A 23 -15.49 -6.88 -16.87
C THR A 23 -15.97 -6.43 -18.24
N ASP A 24 -15.29 -6.95 -19.27
CA ASP A 24 -15.69 -6.63 -20.65
C ASP A 24 -15.67 -5.13 -20.83
N SER A 25 -14.55 -4.55 -20.48
CA SER A 25 -14.34 -3.08 -20.56
C SER A 25 -13.79 -2.76 -21.95
N SER A 26 -14.01 -1.55 -22.44
CA SER A 26 -13.43 -1.14 -23.74
C SER A 26 -12.18 -0.34 -23.37
N TYR A 27 -11.05 -0.79 -23.87
CA TYR A 27 -9.84 -0.13 -23.37
C TYR A 27 -8.71 -0.39 -24.33
N GLU A 28 -7.83 0.57 -24.38
CA GLU A 28 -6.62 0.50 -25.21
C GLU A 28 -5.53 0.66 -24.15
N GLU A 29 -4.39 0.16 -24.38
CA GLU A 29 -3.24 0.17 -23.56
C GLU A 29 -2.11 0.93 -24.27
N LYS A 30 -1.25 1.50 -23.44
CA LYS A 30 -0.04 2.15 -23.95
C LYS A 30 1.00 1.40 -23.10
N ARG A 31 1.83 0.66 -23.79
CA ARG A 31 2.84 -0.14 -23.12
C ARG A 31 4.16 0.58 -23.33
N TYR A 32 4.70 1.27 -22.36
CA TYR A 32 5.98 1.95 -22.56
C TYR A 32 7.11 0.93 -22.49
N ALA A 33 8.12 1.14 -23.30
CA ALA A 33 9.33 0.30 -23.36
C ALA A 33 10.48 0.99 -22.67
N MET A 34 11.50 0.35 -22.17
CA MET A 34 12.61 1.02 -21.46
C MET A 34 13.89 0.59 -22.16
N GLY A 35 14.93 1.39 -22.15
CA GLY A 35 16.16 0.90 -22.84
C GLY A 35 16.73 -0.31 -22.05
N ASP A 36 17.83 -0.76 -22.59
CA ASP A 36 18.71 -1.80 -22.05
C ASP A 36 19.76 -1.12 -21.16
N ALA A 37 20.38 -1.94 -20.32
CA ALA A 37 21.54 -1.47 -19.54
C ALA A 37 22.53 -0.85 -20.56
N PRO A 38 23.45 -0.06 -20.04
CA PRO A 38 23.65 0.23 -18.63
C PRO A 38 22.80 1.40 -18.19
N ASP A 39 22.09 2.09 -19.01
CA ASP A 39 21.34 3.30 -18.51
C ASP A 39 19.82 3.24 -18.56
N TYR A 40 19.30 2.13 -19.04
CA TYR A 40 17.87 1.86 -19.11
C TYR A 40 17.00 3.09 -19.32
N ASP A 41 16.92 3.50 -20.58
CA ASP A 41 16.20 4.68 -21.01
C ASP A 41 14.69 4.59 -20.72
N ARG A 42 14.16 5.57 -20.03
CA ARG A 42 12.73 5.61 -19.72
C ARG A 42 12.08 6.76 -20.48
N SER A 43 12.82 7.32 -21.42
CA SER A 43 12.38 8.52 -22.18
C SER A 43 11.03 8.46 -22.87
N GLN A 44 10.53 7.33 -23.33
CA GLN A 44 9.21 7.15 -23.91
C GLN A 44 8.11 7.56 -22.90
N TRP A 45 8.41 7.27 -21.61
CA TRP A 45 7.41 7.61 -20.56
C TRP A 45 7.64 9.06 -20.13
N LEU A 46 8.88 9.34 -19.83
CA LEU A 46 9.32 10.66 -19.37
C LEU A 46 8.90 11.79 -20.26
N ASN A 47 8.85 11.56 -21.57
CA ASN A 47 8.37 12.62 -22.50
C ASN A 47 6.92 12.96 -22.23
N GLU A 48 6.14 12.07 -21.66
CA GLU A 48 4.71 12.44 -21.47
C GLU A 48 4.20 12.35 -20.05
N LYS A 49 5.05 11.98 -19.12
CA LYS A 49 4.73 11.89 -17.70
C LYS A 49 3.98 13.10 -17.16
N PHE A 50 4.41 14.33 -17.51
CA PHE A 50 3.75 15.54 -17.00
C PHE A 50 2.81 16.17 -18.01
N LYS A 51 2.46 15.38 -19.02
CA LYS A 51 1.56 15.94 -20.04
C LYS A 51 0.21 15.27 -20.05
N LEU A 52 -0.10 14.43 -19.08
CA LEU A 52 -1.40 13.74 -19.07
C LEU A 52 -2.48 14.34 -18.20
N GLY A 53 -2.23 15.32 -17.35
CA GLY A 53 -3.32 15.88 -16.49
C GLY A 53 -3.55 15.07 -15.22
N LEU A 54 -2.61 14.19 -14.90
CA LEU A 54 -2.56 13.29 -13.75
C LEU A 54 -2.17 14.07 -12.50
N ASP A 55 -2.88 13.84 -11.40
CA ASP A 55 -2.52 14.54 -10.14
C ASP A 55 -1.15 14.20 -9.63
N PHE A 56 -0.84 12.91 -9.57
CA PHE A 56 0.48 12.44 -9.05
C PHE A 56 0.95 11.46 -10.12
N PRO A 57 1.71 11.99 -11.07
CA PRO A 57 2.08 11.21 -12.28
C PRO A 57 2.77 9.92 -11.89
N ASN A 58 2.43 8.80 -12.52
CA ASN A 58 3.07 7.51 -12.12
C ASN A 58 2.55 6.50 -13.13
N LEU A 59 3.14 5.32 -13.12
CA LEU A 59 2.68 4.16 -13.91
C LEU A 59 2.38 3.03 -12.89
N PRO A 60 1.23 2.40 -12.95
CA PRO A 60 0.15 2.57 -13.92
C PRO A 60 -0.78 3.77 -13.81
N TYR A 61 -1.35 4.15 -14.98
CA TYR A 61 -2.39 5.20 -14.88
C TYR A 61 -3.61 4.62 -15.67
N LEU A 62 -4.78 5.08 -15.37
CA LEU A 62 -5.96 4.77 -16.09
C LEU A 62 -6.66 6.13 -16.40
N ILE A 63 -7.13 6.18 -17.64
CA ILE A 63 -7.94 7.39 -18.00
C ILE A 63 -9.30 6.94 -18.44
N ASP A 64 -10.32 7.45 -17.82
CA ASP A 64 -11.72 7.06 -18.14
C ASP A 64 -12.42 8.40 -18.32
N GLY A 65 -12.23 8.89 -19.55
CA GLY A 65 -12.82 10.18 -19.91
C GLY A 65 -12.29 11.25 -18.97
N SER A 66 -13.14 11.73 -18.12
CA SER A 66 -12.81 12.87 -17.22
C SER A 66 -11.80 12.46 -16.16
N ARG A 67 -12.07 11.35 -15.57
CA ARG A 67 -11.34 10.64 -14.54
C ARG A 67 -9.98 10.11 -14.94
N LYS A 68 -8.98 10.55 -14.20
CA LYS A 68 -7.60 10.13 -14.42
C LYS A 68 -7.14 9.65 -13.04
N ILE A 69 -6.68 8.42 -13.02
CA ILE A 69 -6.26 7.79 -11.75
C ILE A 69 -4.89 7.21 -11.77
N THR A 70 -4.13 7.30 -10.69
CA THR A 70 -2.83 6.65 -10.53
C THR A 70 -2.90 5.83 -9.21
N GLN A 71 -1.92 5.02 -9.01
CA GLN A 71 -1.89 4.11 -7.87
C GLN A 71 -2.75 2.92 -8.26
N SER A 72 -2.09 1.76 -8.49
CA SER A 72 -2.80 0.49 -8.80
C SER A 72 -4.00 0.07 -8.00
N ASN A 73 -3.91 0.29 -6.68
CA ASN A 73 -5.01 -0.10 -5.76
C ASN A 73 -6.15 0.85 -6.00
N ALA A 74 -5.88 2.11 -6.27
CA ALA A 74 -6.99 3.07 -6.54
C ALA A 74 -7.69 2.75 -7.86
N ILE A 75 -7.01 2.40 -8.91
CA ILE A 75 -7.49 1.87 -10.19
C ILE A 75 -8.28 0.58 -9.92
N MET A 76 -7.70 -0.34 -9.12
CA MET A 76 -8.45 -1.57 -8.83
C MET A 76 -9.80 -1.23 -8.22
N ARG A 77 -9.83 -0.34 -7.24
CA ARG A 77 -11.07 -0.01 -6.52
C ARG A 77 -12.07 0.72 -7.39
N TYR A 78 -11.58 1.59 -8.24
CA TYR A 78 -12.46 2.32 -9.17
C TYR A 78 -13.14 1.31 -10.09
N LEU A 79 -12.40 0.38 -10.63
CA LEU A 79 -12.98 -0.66 -11.49
C LEU A 79 -13.93 -1.54 -10.69
N ALA A 80 -13.60 -1.81 -9.46
CA ALA A 80 -14.45 -2.65 -8.57
C ALA A 80 -15.80 -2.02 -8.28
N ARG A 81 -15.83 -0.77 -7.89
CA ARG A 81 -17.04 0.00 -7.59
C ARG A 81 -17.92 0.09 -8.82
N LYS A 82 -17.33 0.38 -9.95
CA LYS A 82 -18.03 0.53 -11.24
C LYS A 82 -18.79 -0.73 -11.58
N HIS A 83 -18.17 -1.88 -11.37
CA HIS A 83 -18.69 -3.19 -11.74
C HIS A 83 -19.15 -4.06 -10.60
N HIS A 84 -19.44 -3.45 -9.47
CA HIS A 84 -19.91 -4.07 -8.24
C HIS A 84 -19.16 -5.31 -7.79
N LEU A 85 -17.85 -5.22 -7.70
CA LEU A 85 -16.95 -6.32 -7.27
C LEU A 85 -16.27 -5.97 -5.95
N CYS A 86 -16.94 -5.25 -5.11
CA CYS A 86 -16.58 -4.79 -3.77
C CYS A 86 -17.20 -5.72 -2.73
N GLY A 87 -16.60 -5.86 -1.57
CA GLY A 87 -17.33 -6.69 -0.56
C GLY A 87 -18.69 -5.99 -0.36
N GLU A 88 -19.67 -6.80 0.07
CA GLU A 88 -21.04 -6.39 0.30
C GLU A 88 -21.39 -6.14 1.75
N THR A 89 -20.78 -6.92 2.61
CA THR A 89 -21.00 -6.78 4.06
C THR A 89 -19.70 -6.29 4.66
N GLU A 90 -19.69 -5.92 5.91
CA GLU A 90 -18.50 -5.50 6.65
C GLU A 90 -17.44 -6.57 6.68
N GLU A 91 -17.70 -7.79 6.99
CA GLU A 91 -16.80 -8.95 7.03
C GLU A 91 -16.05 -9.17 5.71
N GLU A 92 -16.83 -9.10 4.61
CA GLU A 92 -16.23 -9.08 3.29
C GLU A 92 -15.34 -7.86 3.10
N ARG A 93 -15.75 -6.67 3.51
CA ARG A 93 -14.93 -5.46 3.40
C ARG A 93 -13.65 -5.53 4.15
N ILE A 94 -13.59 -6.10 5.32
CA ILE A 94 -12.32 -6.18 6.09
C ILE A 94 -11.39 -7.16 5.44
N ARG A 95 -11.88 -8.34 5.07
CA ARG A 95 -11.11 -9.41 4.41
C ARG A 95 -10.51 -8.79 3.16
N ALA A 96 -11.26 -8.03 2.38
CA ALA A 96 -10.77 -7.34 1.17
C ALA A 96 -9.62 -6.38 1.41
N ASP A 97 -9.76 -5.44 2.30
CA ASP A 97 -8.74 -4.48 2.78
C ASP A 97 -7.46 -5.12 3.21
N ILE A 98 -7.50 -6.12 4.09
CA ILE A 98 -6.34 -6.88 4.59
C ILE A 98 -5.61 -7.46 3.42
N VAL A 99 -6.32 -8.21 2.59
CA VAL A 99 -5.69 -8.96 1.45
C VAL A 99 -4.95 -8.05 0.48
N GLU A 100 -5.69 -6.97 0.22
CA GLU A 100 -5.16 -5.94 -0.70
C GLU A 100 -3.81 -5.51 -0.18
N ASN A 101 -3.77 -5.26 1.15
CA ASN A 101 -2.55 -4.74 1.78
C ASN A 101 -1.51 -5.81 1.91
N GLN A 102 -1.93 -7.03 2.34
CA GLN A 102 -1.01 -8.16 2.50
C GLN A 102 -0.37 -8.46 1.16
N VAL A 103 -1.15 -8.39 0.08
CA VAL A 103 -0.60 -8.60 -1.29
C VAL A 103 0.55 -7.68 -1.62
N MET A 104 0.31 -6.40 -1.40
CA MET A 104 1.38 -5.37 -1.64
C MET A 104 2.60 -5.69 -0.82
N ASP A 105 2.50 -6.06 0.44
CA ASP A 105 3.74 -6.38 1.22
C ASP A 105 4.49 -7.56 0.58
N ASN A 106 3.77 -8.64 0.32
CA ASN A 106 4.41 -9.86 -0.26
C ASN A 106 5.03 -9.50 -1.61
N ARG A 107 4.48 -8.54 -2.29
CA ARG A 107 4.98 -8.11 -3.66
C ARG A 107 6.24 -7.30 -3.52
N MET A 108 6.25 -6.40 -2.52
CA MET A 108 7.43 -5.58 -2.19
C MET A 108 8.55 -6.48 -1.70
N GLN A 109 8.28 -7.50 -0.90
CA GLN A 109 9.34 -8.46 -0.53
C GLN A 109 9.99 -9.10 -1.72
N LEU A 110 9.31 -9.55 -2.76
CA LEU A 110 9.86 -10.21 -3.96
C LEU A 110 10.68 -9.26 -4.84
N ILE A 111 10.12 -8.08 -5.05
CA ILE A 111 10.74 -6.95 -5.77
C ILE A 111 12.06 -6.63 -5.09
N MET A 112 12.12 -6.51 -3.79
CA MET A 112 13.39 -6.22 -3.09
C MET A 112 14.39 -7.34 -3.27
N LEU A 113 13.98 -8.59 -3.27
CA LEU A 113 14.95 -9.67 -3.52
C LEU A 113 15.49 -9.49 -4.93
N CYS A 114 14.53 -9.48 -5.84
CA CYS A 114 14.85 -9.40 -7.29
C CYS A 114 15.63 -8.18 -7.78
N TYR A 115 15.83 -7.13 -7.02
CA TYR A 115 16.54 -5.95 -7.50
C TYR A 115 17.81 -5.75 -6.66
N ASN A 116 18.22 -6.80 -6.02
CA ASN A 116 19.39 -6.73 -5.11
C ASN A 116 20.53 -7.37 -5.89
N PRO A 117 21.60 -6.64 -6.06
CA PRO A 117 22.77 -7.09 -6.80
C PRO A 117 23.19 -8.45 -6.25
N ASP A 118 22.78 -8.67 -5.03
CA ASP A 118 23.10 -9.89 -4.26
C ASP A 118 22.09 -11.02 -4.40
N PHE A 119 21.26 -10.88 -5.41
CA PHE A 119 20.20 -11.83 -5.71
C PHE A 119 20.56 -13.25 -5.29
N GLU A 120 21.45 -13.90 -5.92
CA GLU A 120 21.94 -15.26 -5.83
C GLU A 120 22.31 -15.84 -4.50
N LYS A 121 22.98 -15.06 -3.67
CA LYS A 121 23.45 -15.40 -2.34
C LYS A 121 22.36 -15.09 -1.33
N GLN A 122 21.47 -14.20 -1.73
CA GLN A 122 20.32 -13.79 -0.92
C GLN A 122 19.06 -14.62 -1.07
N LYS A 123 18.88 -15.24 -2.22
CA LYS A 123 17.79 -16.07 -2.68
C LYS A 123 17.48 -17.22 -1.76
N PRO A 124 18.50 -17.97 -1.38
CA PRO A 124 18.32 -19.13 -0.49
C PRO A 124 17.74 -18.77 0.88
N GLU A 125 17.82 -17.52 1.31
CA GLU A 125 17.22 -17.17 2.62
C GLU A 125 15.77 -16.84 2.37
N PHE A 126 15.58 -16.27 1.18
CA PHE A 126 14.24 -15.88 0.74
C PHE A 126 13.37 -17.12 0.57
N LEU A 127 13.87 -18.17 0.00
CA LEU A 127 13.11 -19.41 -0.16
C LEU A 127 12.62 -20.03 1.15
N LYS A 128 13.35 -19.79 2.24
CA LYS A 128 13.05 -20.46 3.52
C LYS A 128 11.73 -19.91 4.07
N THR A 129 11.55 -18.62 3.77
CA THR A 129 10.40 -17.87 4.14
C THR A 129 9.11 -18.14 3.42
N ILE A 130 9.09 -18.69 2.25
CA ILE A 130 7.91 -18.94 1.44
C ILE A 130 6.84 -19.78 2.07
N PRO A 131 7.21 -20.95 2.60
CA PRO A 131 6.22 -21.84 3.20
C PRO A 131 5.33 -21.11 4.16
N GLU A 132 5.88 -20.25 5.01
CA GLU A 132 5.05 -19.51 5.99
C GLU A 132 4.14 -18.47 5.36
N LYS A 133 4.54 -17.79 4.29
CA LYS A 133 3.66 -16.88 3.57
C LYS A 133 2.45 -17.58 3.00
N MET A 134 2.67 -18.73 2.36
CA MET A 134 1.64 -19.55 1.66
C MET A 134 0.67 -20.17 2.62
N LYS A 135 1.21 -20.62 3.78
CA LYS A 135 0.31 -21.14 4.84
C LYS A 135 -0.68 -20.13 5.30
N LEU A 136 -0.28 -18.88 5.40
CA LEU A 136 -1.15 -17.74 5.79
C LEU A 136 -2.23 -17.56 4.77
N TYR A 137 -1.91 -17.47 3.49
CA TYR A 137 -3.00 -17.33 2.45
C TYR A 137 -3.89 -18.55 2.53
N SER A 138 -3.26 -19.73 2.62
CA SER A 138 -4.00 -21.01 2.77
C SER A 138 -4.98 -21.05 3.93
N GLU A 139 -4.46 -20.83 5.16
CA GLU A 139 -5.38 -20.82 6.33
C GLU A 139 -6.39 -19.74 6.26
N PHE A 140 -6.11 -18.67 5.51
CA PHE A 140 -7.09 -17.55 5.36
C PHE A 140 -8.18 -17.89 4.35
N LEU A 141 -7.92 -18.44 3.18
CA LEU A 141 -8.98 -18.82 2.23
C LEU A 141 -9.82 -19.93 2.89
N GLY A 142 -9.11 -20.89 3.50
CA GLY A 142 -9.79 -21.99 4.20
C GLY A 142 -10.56 -22.81 3.17
N LYS A 143 -11.85 -22.80 3.27
CA LYS A 143 -12.72 -23.58 2.38
C LYS A 143 -13.61 -22.71 1.52
N ARG A 144 -13.49 -21.41 1.68
CA ARG A 144 -14.24 -20.46 0.87
C ARG A 144 -13.79 -20.61 -0.59
N PRO A 145 -14.72 -20.33 -1.50
CA PRO A 145 -14.39 -20.39 -2.92
C PRO A 145 -13.41 -19.26 -3.30
N TRP A 146 -13.64 -18.06 -2.75
CA TRP A 146 -12.93 -16.81 -3.05
C TRP A 146 -12.42 -16.12 -1.77
N PHE A 147 -11.57 -15.12 -1.92
CA PHE A 147 -10.92 -14.50 -0.76
C PHE A 147 -11.85 -13.75 0.17
N ALA A 148 -12.81 -13.00 -0.33
CA ALA A 148 -13.65 -12.18 0.54
C ALA A 148 -14.86 -12.95 1.06
N GLY A 149 -15.10 -14.11 0.47
CA GLY A 149 -16.28 -14.90 0.75
C GLY A 149 -16.75 -15.76 -0.40
N ASP A 150 -18.03 -15.64 -0.69
CA ASP A 150 -18.73 -16.49 -1.64
C ASP A 150 -18.72 -15.96 -3.06
N LYS A 151 -18.21 -14.78 -3.26
CA LYS A 151 -18.24 -14.21 -4.66
C LYS A 151 -16.89 -13.67 -5.00
N VAL A 152 -16.55 -13.65 -6.27
CA VAL A 152 -15.29 -13.03 -6.73
C VAL A 152 -15.50 -11.51 -6.42
N THR A 153 -14.43 -10.90 -5.98
CA THR A 153 -14.44 -9.46 -5.63
C THR A 153 -13.16 -9.02 -6.30
N TYR A 154 -12.74 -7.83 -6.28
CA TYR A 154 -11.49 -7.40 -6.92
C TYR A 154 -10.26 -8.00 -6.35
N VAL A 155 -10.28 -8.43 -5.07
CA VAL A 155 -9.10 -8.95 -4.36
C VAL A 155 -8.57 -10.27 -4.85
N ASP A 156 -9.37 -11.13 -5.44
CA ASP A 156 -9.02 -12.40 -6.08
C ASP A 156 -8.11 -12.09 -7.23
N PHE A 157 -8.21 -10.85 -7.72
CA PHE A 157 -7.25 -10.49 -8.87
C PHE A 157 -5.88 -10.31 -8.30
N LEU A 158 -5.78 -9.57 -7.22
CA LEU A 158 -4.53 -9.28 -6.48
C LEU A 158 -3.97 -10.59 -5.96
N ALA A 159 -4.78 -11.45 -5.38
CA ALA A 159 -4.34 -12.77 -4.86
C ALA A 159 -3.93 -13.75 -5.94
N TYR A 160 -4.72 -13.81 -7.02
CA TYR A 160 -4.24 -14.73 -8.13
C TYR A 160 -2.86 -14.34 -8.54
N ASP A 161 -2.65 -13.06 -8.78
CA ASP A 161 -1.36 -12.56 -9.28
C ASP A 161 -0.24 -12.89 -8.34
N ILE A 162 -0.27 -12.50 -7.09
CA ILE A 162 0.88 -12.77 -6.17
C ILE A 162 1.15 -14.24 -5.93
N LEU A 163 0.18 -15.12 -5.95
CA LEU A 163 0.34 -16.61 -5.82
C LEU A 163 0.93 -17.15 -7.12
N ASP A 164 0.39 -16.67 -8.25
CA ASP A 164 0.91 -17.01 -9.57
C ASP A 164 2.35 -16.57 -9.56
N GLN A 165 2.75 -15.31 -9.34
CA GLN A 165 4.17 -14.98 -9.32
C GLN A 165 5.09 -15.80 -8.43
N TYR A 166 4.73 -16.10 -7.19
CA TYR A 166 5.58 -16.87 -6.23
C TYR A 166 5.70 -18.32 -6.75
N HIS A 167 4.61 -18.75 -7.33
CA HIS A 167 4.54 -20.05 -8.00
C HIS A 167 5.50 -20.16 -9.16
N ILE A 168 5.69 -19.11 -9.93
CA ILE A 168 6.70 -19.04 -11.03
C ILE A 168 8.08 -19.05 -10.42
N PHE A 169 8.24 -18.35 -9.31
CA PHE A 169 9.57 -18.27 -8.62
C PHE A 169 10.00 -19.62 -8.00
N GLU A 170 9.02 -20.33 -7.46
CA GLU A 170 9.28 -21.61 -6.74
C GLU A 170 8.12 -22.54 -7.08
N PRO A 171 8.33 -23.25 -8.18
CA PRO A 171 7.28 -24.12 -8.73
C PRO A 171 6.66 -25.03 -7.66
N LYS A 172 7.47 -25.53 -6.76
CA LYS A 172 6.98 -26.38 -5.67
C LYS A 172 6.39 -25.71 -4.45
N CYS A 173 6.20 -24.40 -4.39
CA CYS A 173 5.78 -23.70 -3.18
C CYS A 173 4.36 -23.91 -2.69
N LEU A 174 3.52 -24.41 -3.55
CA LEU A 174 2.12 -24.65 -3.34
C LEU A 174 1.74 -26.15 -3.23
N ASP A 175 2.70 -27.05 -3.30
CA ASP A 175 2.40 -28.50 -3.23
C ASP A 175 1.69 -28.80 -1.92
N ALA A 176 2.20 -28.35 -0.79
CA ALA A 176 1.50 -28.58 0.49
C ALA A 176 0.15 -27.93 0.63
N PHE A 177 -0.22 -27.10 -0.34
CA PHE A 177 -1.41 -26.26 -0.21
C PHE A 177 -2.47 -26.35 -1.28
N PRO A 178 -3.17 -27.47 -1.21
CA PRO A 178 -4.30 -27.80 -2.05
C PRO A 178 -5.28 -26.69 -2.34
N ASN A 179 -5.87 -26.00 -1.39
CA ASN A 179 -6.91 -25.00 -1.58
C ASN A 179 -6.40 -23.83 -2.47
N LEU A 180 -5.10 -23.65 -2.52
CA LEU A 180 -4.43 -22.63 -3.27
C LEU A 180 -4.17 -23.09 -4.71
N LYS A 181 -3.70 -24.31 -4.90
CA LYS A 181 -3.54 -24.90 -6.26
C LYS A 181 -4.93 -24.85 -6.88
N ASP A 182 -5.89 -25.23 -6.07
CA ASP A 182 -7.30 -25.17 -6.52
C ASP A 182 -7.76 -23.75 -6.82
N PHE A 183 -7.32 -22.80 -5.98
CA PHE A 183 -7.83 -21.41 -6.19
C PHE A 183 -7.25 -20.98 -7.56
N LEU A 184 -6.00 -21.29 -7.77
CA LEU A 184 -5.34 -20.90 -9.03
C LEU A 184 -6.11 -21.40 -10.22
N ALA A 185 -6.64 -22.61 -10.12
CA ALA A 185 -7.34 -23.26 -11.26
C ALA A 185 -8.73 -22.72 -11.30
N ARG A 186 -9.34 -22.36 -10.19
CA ARG A 186 -10.72 -21.85 -10.32
C ARG A 186 -10.73 -20.51 -11.07
N PHE A 187 -9.80 -19.62 -10.75
CA PHE A 187 -9.62 -18.29 -11.30
C PHE A 187 -9.39 -18.37 -12.82
N GLU A 188 -8.38 -19.10 -13.23
CA GLU A 188 -7.98 -19.35 -14.60
C GLU A 188 -9.09 -19.94 -15.44
N GLY A 189 -10.02 -20.58 -14.74
CA GLY A 189 -11.21 -21.25 -15.23
C GLY A 189 -12.32 -20.28 -15.49
N LEU A 190 -12.17 -19.05 -15.01
CA LEU A 190 -13.22 -18.03 -15.29
C LEU A 190 -13.24 -17.86 -16.82
N LYS A 191 -14.43 -17.69 -17.39
CA LYS A 191 -14.58 -17.60 -18.82
C LYS A 191 -13.72 -16.51 -19.45
N LYS A 192 -13.92 -15.27 -19.05
CA LYS A 192 -13.19 -14.19 -19.70
C LYS A 192 -11.68 -14.24 -19.44
N ILE A 193 -11.23 -14.94 -18.43
CA ILE A 193 -9.77 -14.96 -18.11
C ILE A 193 -9.11 -16.01 -19.00
N SER A 194 -9.88 -17.11 -19.04
CA SER A 194 -9.46 -18.25 -19.92
C SER A 194 -9.34 -17.72 -21.35
N ALA A 195 -10.33 -16.99 -21.84
CA ALA A 195 -10.35 -16.37 -23.16
C ALA A 195 -9.17 -15.44 -23.38
N TYR A 196 -8.86 -14.56 -22.42
CA TYR A 196 -7.77 -13.64 -22.34
C TYR A 196 -6.41 -14.28 -22.27
N MET A 197 -6.23 -15.40 -21.64
CA MET A 197 -4.88 -16.05 -21.62
C MET A 197 -4.33 -16.52 -22.94
N LYS A 198 -5.21 -16.80 -23.88
CA LYS A 198 -4.98 -17.22 -25.26
C LYS A 198 -4.88 -16.05 -26.25
N SER A 199 -5.21 -14.86 -25.80
CA SER A 199 -5.29 -13.68 -26.69
C SER A 199 -3.93 -13.09 -26.95
N SER A 200 -3.92 -12.17 -27.91
CA SER A 200 -2.72 -11.44 -28.37
C SER A 200 -2.17 -10.49 -27.31
N ARG A 201 -3.04 -10.01 -26.47
CA ARG A 201 -2.79 -9.10 -25.35
C ARG A 201 -2.11 -9.71 -24.14
N TYR A 202 -2.29 -11.00 -23.88
CA TYR A 202 -1.74 -11.69 -22.73
C TYR A 202 -0.25 -11.50 -22.58
N LEU A 203 0.13 -11.10 -21.36
CA LEU A 203 1.53 -10.84 -21.03
C LEU A 203 1.91 -11.35 -19.66
N SER A 204 2.30 -12.57 -19.51
CA SER A 204 2.66 -13.23 -18.27
C SER A 204 4.03 -12.92 -17.73
N THR A 205 4.97 -12.89 -18.67
CA THR A 205 6.37 -12.61 -18.35
C THR A 205 6.91 -11.73 -19.46
N PRO A 206 7.99 -11.04 -19.24
CA PRO A 206 8.72 -10.97 -17.97
C PRO A 206 7.76 -10.22 -17.03
N ILE A 207 8.09 -10.34 -15.78
CA ILE A 207 7.50 -9.77 -14.62
C ILE A 207 8.22 -8.47 -14.29
N PHE A 208 9.53 -8.48 -14.29
CA PHE A 208 10.28 -7.26 -13.94
C PHE A 208 10.94 -6.60 -15.15
N SER A 209 11.56 -5.47 -14.87
CA SER A 209 12.21 -4.61 -15.85
C SER A 209 13.60 -5.18 -16.11
N LYS A 210 14.32 -4.53 -16.96
CA LYS A 210 15.67 -4.99 -17.40
C LYS A 210 16.67 -4.89 -16.26
N LEU A 211 16.35 -4.04 -15.29
CA LEU A 211 17.14 -3.86 -14.08
C LEU A 211 17.10 -5.11 -13.17
N ALA A 212 15.99 -5.75 -12.99
CA ALA A 212 15.93 -6.94 -12.11
C ALA A 212 16.97 -7.98 -12.45
N GLN A 213 17.19 -8.87 -11.48
CA GLN A 213 18.13 -9.99 -11.49
C GLN A 213 17.39 -11.28 -11.85
N TRP A 214 16.09 -11.20 -11.75
CA TRP A 214 15.19 -12.31 -12.02
C TRP A 214 13.97 -11.83 -12.80
N SER A 215 13.60 -12.62 -13.75
CA SER A 215 12.53 -12.52 -14.72
C SER A 215 12.51 -11.15 -15.40
N ASN A 216 13.65 -10.84 -16.00
CA ASN A 216 13.86 -9.51 -16.61
C ASN A 216 13.83 -9.43 -18.13
N LYS A 217 13.60 -10.52 -18.81
CA LYS A 217 13.54 -10.58 -20.25
C LYS A 217 12.40 -11.45 -20.73
N PRO B 1 -12.29 -2.38 26.02
CA PRO B 1 -11.80 -1.39 25.07
C PRO B 1 -11.16 -2.15 23.89
N MET B 2 -10.82 -1.31 22.93
CA MET B 2 -10.13 -1.85 21.76
C MET B 2 -8.66 -1.81 22.25
N ILE B 3 -7.92 -2.64 21.54
CA ILE B 3 -6.48 -2.83 21.79
C ILE B 3 -5.72 -2.46 20.51
N LEU B 4 -4.86 -1.49 20.56
CA LEU B 4 -3.93 -1.16 19.51
C LEU B 4 -2.54 -1.75 19.87
N GLY B 5 -1.85 -2.49 19.04
CA GLY B 5 -0.48 -2.92 19.34
C GLY B 5 0.47 -2.40 18.30
N TYR B 6 1.62 -1.89 18.64
CA TYR B 6 2.62 -1.37 17.73
C TYR B 6 3.94 -1.29 18.48
N TRP B 7 5.01 -0.91 17.84
CA TRP B 7 6.27 -0.56 18.54
C TRP B 7 6.10 0.76 19.31
N ASN B 8 6.99 1.01 20.28
CA ASN B 8 6.91 2.25 21.09
C ASN B 8 7.58 3.36 20.28
N VAL B 9 7.13 3.48 19.03
CA VAL B 9 7.73 4.40 18.06
C VAL B 9 6.54 5.00 17.27
N ARG B 10 6.84 6.11 16.58
CA ARG B 10 5.77 6.76 15.80
C ARG B 10 5.53 5.89 14.55
N GLY B 11 6.59 5.59 13.84
CA GLY B 11 6.52 4.73 12.67
C GLY B 11 5.41 5.15 11.73
N LEU B 12 4.55 4.15 11.49
CA LEU B 12 3.43 4.32 10.55
C LEU B 12 2.11 4.24 11.27
N THR B 13 2.16 4.35 12.60
CA THR B 13 0.85 4.26 13.27
C THR B 13 0.28 5.56 13.79
N HIS B 14 0.97 6.67 13.55
CA HIS B 14 0.48 7.99 13.96
C HIS B 14 -0.93 8.26 13.53
N PRO B 15 -1.33 7.96 12.31
CA PRO B 15 -2.71 8.20 11.85
C PRO B 15 -3.75 7.40 12.60
N ILE B 16 -3.40 6.17 13.06
CA ILE B 16 -4.41 5.35 13.80
C ILE B 16 -4.57 5.90 15.23
N ARG B 17 -3.51 6.33 15.85
CA ARG B 17 -3.56 6.87 17.22
C ARG B 17 -4.44 8.10 17.26
N LEU B 18 -4.18 8.99 16.28
CA LEU B 18 -5.00 10.18 16.01
C LEU B 18 -6.44 9.91 15.69
N LEU B 19 -6.83 8.93 14.88
CA LEU B 19 -8.22 8.66 14.58
C LEU B 19 -8.92 8.09 15.82
N LEU B 20 -8.15 7.28 16.54
CA LEU B 20 -8.79 6.68 17.77
C LEU B 20 -9.20 7.79 18.69
N GLU B 21 -8.37 8.80 18.89
CA GLU B 21 -8.64 9.94 19.72
C GLU B 21 -9.72 10.84 19.18
N TYR B 22 -9.60 11.11 17.86
CA TYR B 22 -10.61 12.02 17.25
C TYR B 22 -11.98 11.42 17.41
N THR B 23 -12.07 10.12 17.21
CA THR B 23 -13.40 9.45 17.27
C THR B 23 -13.83 9.15 18.68
N ASP B 24 -13.06 9.58 19.66
CA ASP B 24 -13.35 9.24 21.08
C ASP B 24 -13.43 7.73 21.26
N SER B 25 -12.57 6.97 20.63
CA SER B 25 -12.70 5.50 20.79
C SER B 25 -12.28 5.26 22.25
N SER B 26 -12.72 4.14 22.76
CA SER B 26 -12.26 3.79 24.16
C SER B 26 -11.32 2.65 23.87
N TYR B 27 -10.05 2.87 24.02
CA TYR B 27 -9.00 1.92 23.66
C TYR B 27 -7.82 1.98 24.64
N GLU B 28 -6.99 0.95 24.57
CA GLU B 28 -5.72 0.95 25.30
C GLU B 28 -4.65 0.53 24.31
N GLU B 29 -3.40 0.86 24.48
CA GLU B 29 -2.35 0.41 23.60
C GLU B 29 -1.34 -0.48 24.33
N LYS B 30 -0.82 -1.42 23.58
CA LYS B 30 0.31 -2.22 24.08
C LYS B 30 1.42 -1.72 23.18
N ARG B 31 2.38 -1.02 23.69
CA ARG B 31 3.49 -0.55 22.88
C ARG B 31 4.64 -1.49 23.13
N TYR B 32 4.97 -2.40 22.26
CA TYR B 32 6.15 -3.30 22.42
C TYR B 32 7.44 -2.52 22.27
N ALA B 33 8.46 -2.98 22.93
CA ALA B 33 9.80 -2.41 22.94
C ALA B 33 10.80 -3.39 22.32
N MET B 34 11.79 -2.93 21.63
CA MET B 34 12.87 -3.63 20.99
C MET B 34 14.09 -3.51 21.91
N GLY B 35 14.79 -4.61 22.07
CA GLY B 35 15.99 -4.55 22.94
C GLY B 35 16.98 -3.61 22.25
N ASP B 36 18.02 -3.31 23.02
CA ASP B 36 19.08 -2.43 22.48
C ASP B 36 20.07 -3.28 21.66
N ALA B 37 20.83 -2.46 20.95
CA ALA B 37 22.00 -2.84 20.16
C ALA B 37 22.76 -3.75 21.15
N PRO B 38 23.52 -4.70 20.67
CA PRO B 38 23.75 -4.92 19.23
C PRO B 38 22.51 -5.61 18.68
N ASP B 39 22.01 -6.54 19.49
CA ASP B 39 20.91 -7.45 19.18
C ASP B 39 19.52 -6.95 18.81
N TYR B 40 19.10 -5.83 19.34
CA TYR B 40 17.79 -5.22 19.06
C TYR B 40 16.72 -6.32 19.08
N ASP B 41 16.67 -6.94 20.26
CA ASP B 41 15.75 -8.06 20.51
C ASP B 41 14.32 -7.66 20.13
N ARG B 42 13.60 -8.56 19.47
CA ARG B 42 12.19 -8.31 19.16
C ARG B 42 11.30 -9.31 19.90
N SER B 43 11.86 -10.02 20.87
CA SER B 43 11.11 -11.06 21.61
C SER B 43 9.84 -10.69 22.32
N GLN B 44 9.68 -9.47 22.74
CA GLN B 44 8.43 -9.05 23.45
C GLN B 44 7.31 -9.23 22.45
N TRP B 45 7.58 -9.04 21.16
CA TRP B 45 6.50 -9.23 20.16
C TRP B 45 6.43 -10.71 19.74
N LEU B 46 7.59 -11.22 19.32
CA LEU B 46 7.67 -12.59 18.73
C LEU B 46 7.06 -13.63 19.62
N ASN B 47 7.27 -13.44 20.94
CA ASN B 47 6.70 -14.37 21.91
C ASN B 47 5.21 -14.48 21.74
N GLU B 48 4.45 -13.49 21.31
CA GLU B 48 3.01 -13.67 21.15
C GLU B 48 2.52 -13.36 19.71
N LYS B 49 3.44 -13.16 18.76
CA LYS B 49 3.02 -12.87 17.39
C LYS B 49 1.89 -13.79 16.92
N PHE B 50 2.20 -15.08 16.99
CA PHE B 50 1.25 -16.14 16.62
C PHE B 50 0.28 -16.58 17.69
N LYS B 51 0.05 -15.81 18.72
CA LYS B 51 -0.90 -16.26 19.77
C LYS B 51 -2.08 -15.31 19.94
N LEU B 52 -2.20 -14.34 19.04
CA LEU B 52 -3.31 -13.38 19.21
C LEU B 52 -4.44 -13.80 18.29
N GLY B 53 -4.24 -14.77 17.43
CA GLY B 53 -5.39 -15.17 16.56
C GLY B 53 -5.62 -14.19 15.43
N LEU B 54 -4.61 -13.51 14.95
CA LEU B 54 -4.58 -12.57 13.84
C LEU B 54 -4.38 -13.42 12.57
N ASP B 55 -5.05 -13.11 11.51
CA ASP B 55 -4.87 -13.91 10.30
C ASP B 55 -3.49 -13.75 9.72
N PHE B 56 -3.04 -12.51 9.66
CA PHE B 56 -1.66 -12.32 9.09
C PHE B 56 -0.99 -11.47 10.17
N PRO B 57 -0.34 -12.05 11.15
CA PRO B 57 0.22 -11.33 12.27
C PRO B 57 1.14 -10.22 11.91
N ASN B 58 0.96 -9.05 12.49
CA ASN B 58 1.93 -7.94 12.13
C ASN B 58 1.56 -6.80 13.08
N LEU B 59 2.40 -5.81 13.04
CA LEU B 59 2.15 -4.58 13.86
C LEU B 59 1.98 -3.45 12.85
N PRO B 60 1.06 -2.56 12.98
CA PRO B 60 0.02 -2.50 13.99
C PRO B 60 -1.05 -3.57 13.88
N TYR B 61 -1.81 -3.82 14.95
CA TYR B 61 -2.99 -4.69 14.88
C TYR B 61 -4.02 -3.94 15.70
N LEU B 62 -5.27 -4.25 15.52
CA LEU B 62 -6.34 -3.66 16.27
C LEU B 62 -7.26 -4.84 16.67
N ILE B 63 -7.55 -4.91 17.97
CA ILE B 63 -8.56 -5.91 18.40
C ILE B 63 -9.74 -5.05 18.80
N ASP B 64 -10.88 -5.31 18.24
CA ASP B 64 -12.11 -4.56 18.47
C ASP B 64 -13.23 -5.56 18.65
N GLY B 65 -13.20 -6.09 19.89
CA GLY B 65 -14.19 -7.13 20.25
C GLY B 65 -13.70 -8.41 19.56
N SER B 66 -14.60 -8.89 18.71
CA SER B 66 -14.31 -10.14 17.96
C SER B 66 -13.66 -9.82 16.62
N ARG B 67 -13.69 -8.59 16.17
CA ARG B 67 -12.91 -8.14 15.01
C ARG B 67 -11.42 -8.03 15.33
N LYS B 68 -10.52 -8.67 14.63
CA LYS B 68 -9.07 -8.60 14.69
C LYS B 68 -8.46 -8.17 13.35
N ILE B 69 -7.73 -7.06 13.30
CA ILE B 69 -7.19 -6.50 12.10
C ILE B 69 -5.72 -6.17 12.05
N THR B 70 -5.05 -6.43 10.90
CA THR B 70 -3.65 -6.01 10.69
C THR B 70 -3.63 -5.15 9.40
N GLN B 71 -2.47 -4.61 9.06
CA GLN B 71 -2.30 -3.71 7.92
C GLN B 71 -2.84 -2.36 8.32
N SER B 72 -2.02 -1.35 8.50
CA SER B 72 -2.44 0.00 8.86
C SER B 72 -3.53 0.58 8.04
N ASN B 73 -3.53 0.41 6.71
CA ASN B 73 -4.57 0.95 5.82
C ASN B 73 -5.88 0.31 6.12
N ALA B 74 -5.95 -0.98 6.26
CA ALA B 74 -7.23 -1.67 6.64
C ALA B 74 -7.82 -1.27 7.97
N ILE B 75 -6.96 -0.98 8.96
CA ILE B 75 -7.31 -0.51 10.32
C ILE B 75 -7.95 0.87 10.18
N MET B 76 -7.32 1.70 9.36
CA MET B 76 -7.76 3.10 9.09
C MET B 76 -9.09 3.04 8.39
N ARG B 77 -9.24 2.23 7.35
CA ARG B 77 -10.50 2.11 6.64
C ARG B 77 -11.60 1.53 7.49
N TYR B 78 -11.25 0.60 8.36
CA TYR B 78 -12.19 -0.03 9.32
C TYR B 78 -12.72 1.05 10.22
N LEU B 79 -11.86 1.83 10.82
CA LEU B 79 -12.30 2.94 11.68
C LEU B 79 -13.12 3.98 10.95
N ALA B 80 -12.72 4.33 9.75
CA ALA B 80 -13.38 5.29 8.87
C ALA B 80 -14.83 4.84 8.63
N ARG B 81 -15.07 3.53 8.38
CA ARG B 81 -16.42 3.08 8.10
C ARG B 81 -17.33 3.04 9.34
N LYS B 82 -16.69 2.81 10.47
CA LYS B 82 -17.29 2.66 11.81
C LYS B 82 -17.81 4.00 12.25
N HIS B 83 -17.04 5.01 11.90
CA HIS B 83 -17.32 6.37 12.37
C HIS B 83 -17.73 7.31 11.28
N HIS B 84 -18.08 6.79 10.13
CA HIS B 84 -18.50 7.51 8.95
C HIS B 84 -17.57 8.62 8.51
N LEU B 85 -16.33 8.33 8.22
CA LEU B 85 -15.27 9.24 7.81
C LEU B 85 -14.69 8.84 6.44
N CYS B 86 -15.57 8.42 5.55
CA CYS B 86 -15.16 8.01 4.17
C CYS B 86 -15.62 9.09 3.19
N GLY B 87 -15.21 8.96 1.95
CA GLY B 87 -15.73 9.95 0.98
C GLY B 87 -17.19 9.53 0.80
N GLU B 88 -18.04 10.53 0.57
CA GLU B 88 -19.42 10.14 0.28
C GLU B 88 -19.62 9.99 -1.22
N THR B 89 -18.86 10.76 -2.00
CA THR B 89 -19.14 10.75 -3.45
C THR B 89 -18.00 10.07 -4.19
N GLU B 90 -18.36 9.61 -5.39
CA GLU B 90 -17.42 8.90 -6.26
C GLU B 90 -16.15 9.73 -6.36
N GLU B 91 -16.30 11.01 -6.55
CA GLU B 91 -15.12 11.89 -6.61
C GLU B 91 -14.34 11.87 -5.28
N GLU B 92 -15.06 11.85 -4.16
CA GLU B 92 -14.36 11.87 -2.87
C GLU B 92 -13.68 10.56 -2.63
N ARG B 93 -14.28 9.44 -2.99
CA ARG B 93 -13.68 8.11 -2.93
C ARG B 93 -12.45 7.98 -3.79
N ILE B 94 -12.52 8.48 -5.02
CA ILE B 94 -11.34 8.47 -5.87
C ILE B 94 -10.25 9.24 -5.19
N ARG B 95 -10.42 10.47 -4.75
CA ARG B 95 -9.36 11.24 -4.05
C ARG B 95 -8.79 10.54 -2.82
N ALA B 96 -9.59 9.93 -2.00
CA ALA B 96 -9.13 9.21 -0.79
C ALA B 96 -8.34 7.96 -1.19
N ASP B 97 -8.72 7.17 -2.15
CA ASP B 97 -8.01 5.99 -2.69
C ASP B 97 -6.63 6.39 -3.16
N ILE B 98 -6.60 7.43 -3.99
CA ILE B 98 -5.32 7.92 -4.46
C ILE B 98 -4.42 8.36 -3.33
N VAL B 99 -4.88 9.27 -2.49
CA VAL B 99 -4.04 9.86 -1.46
C VAL B 99 -3.48 8.78 -0.53
N GLU B 100 -4.37 7.91 -0.22
CA GLU B 100 -4.12 6.86 0.76
C GLU B 100 -2.94 6.03 0.28
N ASN B 101 -2.97 5.68 -1.02
CA ASN B 101 -1.84 4.96 -1.64
C ASN B 101 -0.66 5.87 -1.97
N GLN B 102 -0.83 7.13 -2.23
CA GLN B 102 0.32 8.04 -2.48
C GLN B 102 1.13 8.23 -1.20
N VAL B 103 0.47 8.49 -0.05
CA VAL B 103 1.16 8.65 1.26
C VAL B 103 1.96 7.41 1.59
N MET B 104 1.52 6.22 1.28
CA MET B 104 2.28 4.98 1.54
C MET B 104 3.56 4.94 0.76
N ASP B 105 3.51 5.35 -0.52
CA ASP B 105 4.64 5.50 -1.40
C ASP B 105 5.66 6.44 -0.79
N ASN B 106 5.19 7.62 -0.47
CA ASN B 106 6.03 8.71 0.09
C ASN B 106 6.65 8.34 1.45
N ARG B 107 5.99 7.52 2.16
CA ARG B 107 6.39 6.93 3.44
C ARG B 107 7.52 5.95 3.24
N MET B 108 7.33 4.99 2.35
CA MET B 108 8.34 3.97 2.00
C MET B 108 9.62 4.64 1.53
N GLN B 109 9.52 5.74 0.81
CA GLN B 109 10.71 6.46 0.33
C GLN B 109 11.49 7.06 1.52
N LEU B 110 10.75 7.58 2.49
CA LEU B 110 11.42 8.16 3.69
C LEU B 110 12.07 7.03 4.51
N ILE B 111 11.36 5.96 4.79
CA ILE B 111 11.82 4.77 5.48
C ILE B 111 13.08 4.22 4.80
N MET B 112 13.07 4.21 3.47
CA MET B 112 14.20 3.67 2.72
C MET B 112 15.47 4.50 2.88
N LEU B 113 15.34 5.82 2.75
CA LEU B 113 16.51 6.69 2.90
C LEU B 113 17.03 6.62 4.35
N CYS B 114 16.07 6.74 5.26
CA CYS B 114 16.30 6.75 6.69
C CYS B 114 17.05 5.55 7.20
N TYR B 115 16.70 4.36 6.81
CA TYR B 115 17.40 3.14 7.18
C TYR B 115 18.45 2.78 6.16
N ASN B 116 18.96 3.76 5.48
CA ASN B 116 20.01 3.50 4.42
C ASN B 116 21.34 3.78 5.10
N PRO B 117 22.28 2.87 4.92
CA PRO B 117 23.60 2.96 5.54
C PRO B 117 24.36 4.22 5.16
N ASP B 118 23.93 4.79 4.04
CA ASP B 118 24.59 5.97 3.47
C ASP B 118 23.69 7.19 3.50
N PHE B 119 22.91 7.24 4.57
CA PHE B 119 22.01 8.35 4.85
C PHE B 119 22.54 9.78 4.63
N GLU B 120 23.80 10.03 4.97
CA GLU B 120 24.39 11.39 4.91
C GLU B 120 24.73 11.80 3.50
N LYS B 121 25.18 10.85 2.74
CA LYS B 121 25.46 10.91 1.31
C LYS B 121 24.10 11.13 0.61
N GLN B 122 23.13 10.49 1.24
CA GLN B 122 21.77 10.47 0.63
C GLN B 122 20.91 11.67 0.88
N LYS B 123 20.95 12.29 2.03
CA LYS B 123 20.14 13.51 2.27
C LYS B 123 20.11 14.41 1.05
N PRO B 124 21.23 15.04 0.70
CA PRO B 124 21.37 15.96 -0.42
C PRO B 124 20.45 15.81 -1.62
N GLU B 125 20.57 14.69 -2.33
CA GLU B 125 19.78 14.38 -3.52
C GLU B 125 18.31 14.07 -3.22
N PHE B 126 18.06 13.69 -1.97
CA PHE B 126 16.72 13.28 -1.54
C PHE B 126 15.96 14.58 -1.21
N LEU B 127 16.65 15.57 -0.65
CA LEU B 127 16.02 16.82 -0.31
C LEU B 127 15.78 17.66 -1.58
N LYS B 128 16.50 17.39 -2.65
CA LYS B 128 16.22 18.24 -3.85
C LYS B 128 14.84 17.86 -4.38
N THR B 129 14.48 16.62 -4.05
CA THR B 129 13.26 15.99 -4.49
C THR B 129 12.04 16.35 -3.67
N ILE B 130 12.16 16.75 -2.45
CA ILE B 130 10.97 17.12 -1.69
C ILE B 130 10.07 18.19 -2.28
N PRO B 131 10.64 19.23 -2.87
CA PRO B 131 9.85 20.38 -3.31
C PRO B 131 8.81 19.94 -4.31
N GLU B 132 9.19 18.99 -5.14
CA GLU B 132 8.25 18.51 -6.17
C GLU B 132 7.25 17.58 -5.55
N LYS B 133 7.54 16.83 -4.50
CA LYS B 133 6.53 16.03 -3.77
C LYS B 133 5.54 16.97 -3.09
N MET B 134 6.00 18.04 -2.45
CA MET B 134 5.09 19.00 -1.79
C MET B 134 4.22 19.70 -2.81
N LYS B 135 4.73 20.11 -3.96
CA LYS B 135 3.95 20.78 -5.03
C LYS B 135 2.69 20.03 -5.42
N LEU B 136 2.94 18.76 -5.65
CA LEU B 136 1.93 17.76 -6.00
C LEU B 136 0.93 17.69 -4.84
N TYR B 137 1.34 17.71 -3.58
CA TYR B 137 0.30 17.75 -2.51
C TYR B 137 -0.49 19.05 -2.56
N SER B 138 0.31 20.10 -2.61
CA SER B 138 -0.15 21.50 -2.69
C SER B 138 -1.17 21.69 -3.78
N GLU B 139 -0.89 21.26 -5.04
CA GLU B 139 -1.91 21.52 -6.08
C GLU B 139 -3.13 20.67 -5.98
N PHE B 140 -2.89 19.45 -5.51
CA PHE B 140 -4.06 18.51 -5.36
C PHE B 140 -5.10 19.06 -4.40
N LEU B 141 -4.63 19.50 -3.24
CA LEU B 141 -5.55 20.10 -2.21
C LEU B 141 -6.24 21.35 -2.74
N GLY B 142 -5.48 22.17 -3.43
CA GLY B 142 -5.94 23.44 -3.97
C GLY B 142 -6.45 24.30 -2.81
N LYS B 143 -7.69 24.67 -2.89
CA LYS B 143 -8.35 25.58 -1.93
C LYS B 143 -9.27 24.84 -0.95
N ARG B 144 -9.47 23.56 -1.22
CA ARG B 144 -10.31 22.76 -0.32
C ARG B 144 -9.67 22.76 1.06
N PRO B 145 -10.53 22.67 2.06
CA PRO B 145 -10.06 22.64 3.45
C PRO B 145 -9.55 21.22 3.81
N TRP B 146 -10.02 20.17 3.15
CA TRP B 146 -9.62 18.79 3.49
C TRP B 146 -9.38 18.02 2.18
N PHE B 147 -8.56 16.98 2.23
CA PHE B 147 -8.10 16.22 1.09
C PHE B 147 -9.11 15.57 0.16
N ALA B 148 -10.22 15.10 0.65
CA ALA B 148 -11.22 14.44 -0.23
C ALA B 148 -12.29 15.45 -0.60
N GLY B 149 -12.47 16.45 0.23
CA GLY B 149 -13.43 17.50 0.01
C GLY B 149 -13.84 18.45 1.10
N ASP B 150 -15.12 18.47 1.40
CA ASP B 150 -15.77 19.40 2.32
C ASP B 150 -15.75 18.83 3.75
N LYS B 151 -15.21 17.62 3.79
CA LYS B 151 -15.30 17.00 5.16
C LYS B 151 -14.02 16.26 5.42
N VAL B 152 -13.65 16.28 6.71
CA VAL B 152 -12.50 15.53 7.20
C VAL B 152 -12.82 14.03 6.94
N THR B 153 -11.86 13.30 6.41
CA THR B 153 -12.05 11.85 6.17
C THR B 153 -10.75 11.25 6.68
N TYR B 154 -10.61 9.96 6.71
CA TYR B 154 -9.47 9.25 7.29
C TYR B 154 -8.23 9.66 6.59
N VAL B 155 -8.22 10.07 5.36
CA VAL B 155 -6.98 10.38 4.58
C VAL B 155 -6.31 11.65 5.03
N ASP B 156 -7.06 12.49 5.68
CA ASP B 156 -6.52 13.72 6.29
C ASP B 156 -5.56 13.32 7.40
N PHE B 157 -5.91 12.25 8.13
CA PHE B 157 -5.00 11.69 9.16
C PHE B 157 -3.74 11.13 8.54
N LEU B 158 -3.85 10.52 7.38
CA LEU B 158 -2.65 9.94 6.68
C LEU B 158 -1.84 11.08 6.15
N ALA B 159 -2.50 12.02 5.46
CA ALA B 159 -1.77 13.16 4.84
C ALA B 159 -1.18 14.06 5.88
N TYR B 160 -1.81 14.35 6.99
CA TYR B 160 -1.23 15.20 8.06
C TYR B 160 0.06 14.58 8.51
N ASP B 161 -0.04 13.26 8.75
CA ASP B 161 1.10 12.50 9.28
C ASP B 161 2.27 12.69 8.36
N ILE B 162 2.09 12.26 7.11
CA ILE B 162 3.24 12.27 6.17
C ILE B 162 3.73 13.71 6.02
N LEU B 163 2.89 14.71 5.93
CA LEU B 163 3.39 16.11 5.72
C LEU B 163 4.16 16.54 6.98
N ASP B 164 3.62 16.18 8.12
CA ASP B 164 4.29 16.51 9.39
C ASP B 164 5.66 15.93 9.41
N GLN B 165 5.82 14.71 8.94
CA GLN B 165 7.11 13.99 8.93
C GLN B 165 8.13 14.62 7.99
N TYR B 166 7.69 15.04 6.82
CA TYR B 166 8.54 15.67 5.81
C TYR B 166 9.03 16.97 6.41
N HIS B 167 8.17 17.63 7.14
CA HIS B 167 8.48 18.89 7.82
C HIS B 167 9.49 18.86 8.95
N ILE B 168 9.53 17.74 9.66
CA ILE B 168 10.44 17.46 10.78
C ILE B 168 11.81 17.31 10.11
N PHE B 169 11.75 16.58 9.03
CA PHE B 169 12.94 16.27 8.24
C PHE B 169 13.46 17.50 7.50
N GLU B 170 12.66 18.48 7.17
CA GLU B 170 13.14 19.62 6.34
C GLU B 170 12.27 20.81 6.68
N PRO B 171 12.63 21.44 7.78
CA PRO B 171 11.79 22.52 8.35
C PRO B 171 11.23 23.52 7.36
N LYS B 172 11.94 23.80 6.29
CA LYS B 172 11.54 24.82 5.30
C LYS B 172 10.79 24.31 4.09
N CYS B 173 10.65 22.99 3.95
CA CYS B 173 10.09 22.26 2.84
C CYS B 173 8.71 22.74 2.42
N LEU B 174 8.07 23.44 3.31
CA LEU B 174 6.72 23.97 3.19
C LEU B 174 6.57 25.48 3.15
N ASP B 175 7.64 26.23 3.18
CA ASP B 175 7.51 27.74 3.19
C ASP B 175 6.81 28.23 1.95
N ALA B 176 7.06 27.62 0.82
CA ALA B 176 6.48 27.79 -0.49
C ALA B 176 5.07 27.29 -0.73
N PHE B 177 4.46 26.59 0.25
CA PHE B 177 3.07 26.08 0.11
C PHE B 177 2.20 26.45 1.29
N PRO B 178 1.71 27.66 1.34
CA PRO B 178 0.93 28.15 2.46
C PRO B 178 -0.25 27.24 2.69
N ASN B 179 -0.82 26.71 1.61
CA ASN B 179 -2.03 25.87 1.81
C ASN B 179 -1.80 24.56 2.58
N LEU B 180 -0.60 24.02 2.55
CA LEU B 180 -0.16 22.81 3.24
C LEU B 180 0.03 23.18 4.71
N LYS B 181 0.92 24.18 4.89
CA LYS B 181 1.02 24.75 6.24
C LYS B 181 -0.36 25.14 6.76
N ASP B 182 -1.26 25.68 6.02
CA ASP B 182 -2.59 26.01 6.56
C ASP B 182 -3.36 24.74 6.97
N PHE B 183 -3.06 23.68 6.26
CA PHE B 183 -3.73 22.38 6.43
C PHE B 183 -3.24 21.79 7.77
N LEU B 184 -1.93 21.85 7.99
CA LEU B 184 -1.36 21.37 9.23
C LEU B 184 -1.91 22.10 10.46
N ALA B 185 -2.37 23.33 10.37
CA ALA B 185 -2.85 24.08 11.54
C ALA B 185 -4.34 23.90 11.67
N ARG B 186 -5.03 23.67 10.56
CA ARG B 186 -6.48 23.36 10.63
C ARG B 186 -6.64 21.99 11.33
N PHE B 187 -5.82 21.04 10.98
CA PHE B 187 -5.74 19.69 11.49
C PHE B 187 -5.31 19.70 12.98
N GLU B 188 -4.25 20.38 13.30
CA GLU B 188 -3.84 20.42 14.71
C GLU B 188 -4.85 21.11 15.60
N GLY B 189 -5.75 21.85 15.00
CA GLY B 189 -6.82 22.61 15.66
C GLY B 189 -8.14 21.90 15.80
N LEU B 190 -8.27 20.70 15.30
CA LEU B 190 -9.50 19.87 15.59
C LEU B 190 -9.45 19.70 17.11
N LYS B 191 -10.61 19.65 17.72
CA LYS B 191 -10.73 19.70 19.20
C LYS B 191 -10.07 18.55 19.93
N LYS B 192 -10.38 17.33 19.56
CA LYS B 192 -9.79 16.21 20.32
C LYS B 192 -8.32 16.12 20.04
N ILE B 193 -7.87 16.70 18.93
CA ILE B 193 -6.45 16.60 18.54
C ILE B 193 -5.52 17.45 19.38
N SER B 194 -5.98 18.67 19.60
CA SER B 194 -5.13 19.69 20.30
C SER B 194 -4.87 19.21 21.72
N ALA B 195 -5.90 18.64 22.28
CA ALA B 195 -5.98 18.00 23.57
C ALA B 195 -5.09 16.77 23.63
N TYR B 196 -5.13 15.89 22.63
CA TYR B 196 -4.32 14.68 22.60
C TYR B 196 -2.86 15.09 22.54
N MET B 197 -2.50 16.09 21.76
CA MET B 197 -1.12 16.61 21.64
C MET B 197 -0.50 17.12 22.94
N LYS B 198 -1.25 17.58 23.92
CA LYS B 198 -0.72 18.00 25.23
C LYS B 198 -0.79 16.87 26.26
N SER B 199 -1.05 15.62 25.86
CA SER B 199 -1.31 14.52 26.77
C SER B 199 -0.18 13.55 27.02
N SER B 200 -0.35 12.61 27.94
CA SER B 200 0.75 11.60 28.14
C SER B 200 0.81 10.58 27.02
N ARG B 201 -0.30 10.35 26.36
CA ARG B 201 -0.40 9.34 25.31
C ARG B 201 0.32 9.81 24.04
N TYR B 202 0.49 11.09 23.83
CA TYR B 202 1.13 11.60 22.58
C TYR B 202 2.56 11.18 22.38
N LEU B 203 2.85 10.67 21.18
CA LEU B 203 4.17 10.24 20.75
C LEU B 203 4.51 10.71 19.34
N SER B 204 5.19 11.84 19.25
CA SER B 204 5.55 12.33 17.88
C SER B 204 6.90 11.85 17.49
N THR B 205 7.77 11.60 18.43
CA THR B 205 9.12 11.07 18.10
C THR B 205 9.49 10.14 19.24
N PRO B 206 10.38 9.19 19.02
CA PRO B 206 11.09 8.93 17.76
C PRO B 206 10.15 8.45 16.67
N ILE B 207 10.60 8.56 15.41
CA ILE B 207 9.86 8.09 14.26
C ILE B 207 10.07 6.61 13.94
N PHE B 208 11.31 6.22 13.86
CA PHE B 208 11.86 4.92 13.55
C PHE B 208 12.50 4.20 14.73
N SER B 209 12.93 2.98 14.46
CA SER B 209 13.65 2.17 15.46
C SER B 209 15.03 2.77 15.70
N LYS B 210 15.79 2.21 16.65
CA LYS B 210 17.15 2.68 16.93
C LYS B 210 17.98 2.16 15.76
N LEU B 211 17.34 1.41 14.86
CA LEU B 211 18.06 0.93 13.69
C LEU B 211 18.36 2.08 12.75
N ALA B 212 17.44 3.01 12.69
CA ALA B 212 17.45 4.19 11.84
C ALA B 212 18.74 4.99 11.98
N GLN B 213 18.83 6.09 11.26
CA GLN B 213 19.98 7.01 11.29
C GLN B 213 19.31 8.38 11.56
N TRP B 214 17.98 8.32 11.52
CA TRP B 214 17.20 9.53 11.68
C TRP B 214 15.91 9.26 12.44
N SER B 215 15.77 10.22 13.37
CA SER B 215 14.63 10.21 14.32
C SER B 215 14.55 8.78 14.85
N ASN B 216 15.68 8.26 15.31
CA ASN B 216 15.81 6.89 15.78
C ASN B 216 15.86 6.75 17.31
N LYS B 217 15.90 7.89 17.95
CA LYS B 217 15.98 7.94 19.41
C LYS B 217 15.02 9.03 19.89
N1 GSH C . 2.30 2.47 -5.31
CA1 GSH C . 2.36 2.63 -6.82
C1 GSH C . 1.29 1.78 -7.43
O11 GSH C . 0.79 2.05 -8.51
O12 GSH C . 0.75 0.85 -6.61
CB1 GSH C . 3.75 2.09 -7.31
CG1 GSH C . 4.07 2.68 -8.61
CD1 GSH C . 5.40 2.75 -9.19
OE1 GSH C . 6.45 2.72 -8.46
N2 GSH C . 5.38 2.83 -10.55
CA2 GSH C . 6.55 2.34 -11.29
C2 GSH C . 7.05 3.43 -12.28
O2 GSH C . 7.75 3.02 -13.18
CB2 GSH C . 6.28 1.03 -12.08
SG2 GSH C . 5.82 -0.23 -10.89
N3 GSH C . 6.69 4.65 -12.06
CA3 GSH C . 7.12 5.54 -13.17
C3 GSH C . 7.62 6.84 -12.68
O31 GSH C . 8.06 7.05 -11.54
O32 GSH C . 7.56 7.89 -13.48
N1 GSH D . 2.36 -2.88 5.37
CA1 GSH D . 2.21 -3.06 6.87
C1 GSH D . 1.23 -2.06 7.42
O11 GSH D . 0.58 -2.22 8.44
O12 GSH D . 1.04 -1.05 6.53
CB1 GSH D . 3.62 -2.74 7.47
CG1 GSH D . 3.85 -3.86 8.44
CD1 GSH D . 5.21 -3.79 8.98
OE1 GSH D . 6.12 -3.56 8.14
N2 GSH D . 5.24 -3.79 10.30
CA2 GSH D . 6.58 -3.54 10.95
C2 GSH D . 6.74 -4.77 11.89
O2 GSH D . 7.48 -4.58 12.82
CB2 GSH D . 6.39 -2.22 11.80
SG2 GSH D . 6.26 -0.87 10.59
N3 GSH D . 6.05 -5.83 11.66
CA3 GSH D . 5.77 -6.89 12.65
C3 GSH D . 6.26 -8.19 12.17
O31 GSH D . 6.55 -8.46 10.98
O32 GSH D . 6.51 -9.21 12.98
#